data_5EF6
#
_entry.id   5EF6
#
_cell.length_a   77.969
_cell.length_b   55.557
_cell.length_c   102.010
_cell.angle_alpha   90.000
_cell.angle_beta   102.240
_cell.angle_gamma   90.000
#
_symmetry.space_group_name_H-M   'P 1 2 1'
#
loop_
_entity.id
_entity.type
_entity.pdbx_description
1 polymer 'Homeobox protein Hox-B13'
2 polymer "DNA (5'-D(P*TP*TP*GP*TP*GP*TP*TP*TP*TP*AP*(5CM)P*GP*AP*GP*GP*TP*CP*C)-3')"
3 polymer "DNA (5'-D(P*GP*GP*AP*CP*CP*TP*(5CM)P*GP*TP*AP*AP*AP*AP*CP*AP*CP*AP*A)-3')"
4 water water
#
loop_
_entity_poly.entity_id
_entity_poly.type
_entity_poly.pdbx_seq_one_letter_code
_entity_poly.pdbx_strand_id
1 'polypeptide(L)' RKKRIPYSKGQLRELEREYAANKFITKDKRRKISAATSLSERQITIWFQNRRVKEKKVLAKV A,B,G,J
2 'polydeoxyribonucleotide' (DT)(DT)(DG)(DT)(DG)(DT)(DT)(DT)(DT)(DA)(5CM)(DG)(DA)(DG)(DG)(DT)(DC)(DC) C,D,H,K
3 'polydeoxyribonucleotide' (DG)(DG)(DA)(DC)(DC)(DT)(5CM)(DG)(DT)(DA)(DA)(DA)(DA)(DC)(DA)(DC)(DA)(DA) F,E,I,L
#
# COMPACT_ATOMS: atom_id res chain seq x y z
N ARG A 1 -8.64 14.49 19.48
CA ARG A 1 -8.66 13.20 18.80
C ARG A 1 -7.64 12.22 19.41
N LYS A 2 -7.83 11.80 20.66
CA LYS A 2 -8.80 12.36 21.60
C LYS A 2 -8.25 12.46 23.05
N LYS A 3 -7.07 13.03 23.29
CA LYS A 3 -5.98 13.23 22.33
C LYS A 3 -4.72 12.69 22.98
N ARG A 4 -3.99 11.87 22.21
CA ARG A 4 -2.94 10.96 22.68
C ARG A 4 -2.42 11.20 24.11
N ILE A 5 -2.60 10.19 24.95
CA ILE A 5 -2.14 10.21 26.34
C ILE A 5 -1.32 8.93 26.61
N PRO A 6 0.02 9.03 26.54
CA PRO A 6 0.94 7.91 26.78
C PRO A 6 0.64 7.07 28.02
N TYR A 7 0.90 5.78 27.92
CA TYR A 7 0.61 4.84 29.00
C TYR A 7 1.79 4.74 29.97
N SER A 8 1.50 4.46 31.24
CA SER A 8 2.52 4.45 32.28
C SER A 8 3.40 3.20 32.22
N LYS A 9 4.38 3.16 33.12
CA LYS A 9 5.32 2.04 33.19
C LYS A 9 4.60 0.77 33.60
N GLY A 10 3.86 0.82 34.72
CA GLY A 10 3.17 -0.34 35.23
C GLY A 10 2.09 -0.82 34.27
N GLN A 11 1.47 0.12 33.57
CA GLN A 11 0.46 -0.21 32.57
C GLN A 11 1.05 -1.03 31.44
N LEU A 12 2.13 -0.53 30.85
CA LEU A 12 2.76 -1.17 29.71
C LEU A 12 3.32 -2.53 30.12
N ARG A 13 3.72 -2.66 31.38
CA ARG A 13 4.21 -3.94 31.88
C ARG A 13 3.08 -4.97 31.82
N GLU A 14 1.91 -4.58 32.30
CA GLU A 14 0.73 -5.44 32.25
C GLU A 14 0.34 -5.77 30.81
N LEU A 15 0.40 -4.77 29.94
CA LEU A 15 0.05 -4.93 28.54
C LEU A 15 0.99 -5.90 27.82
N GLU A 16 2.28 -5.59 27.84
CA GLU A 16 3.26 -6.41 27.13
C GLU A 16 3.41 -7.80 27.75
N ARG A 17 3.11 -7.91 29.03
CA ARG A 17 3.17 -9.20 29.71
C ARG A 17 2.10 -10.14 29.15
N GLU A 18 0.84 -9.69 29.17
CA GLU A 18 -0.27 -10.50 28.68
C GLU A 18 -0.29 -10.57 27.15
N TYR A 19 0.54 -9.76 26.49
CA TYR A 19 0.73 -9.87 25.05
C TYR A 19 1.68 -11.00 24.74
N ALA A 20 2.76 -11.06 25.52
CA ALA A 20 3.73 -12.14 25.40
C ALA A 20 3.06 -13.50 25.62
N ALA A 21 1.98 -13.49 26.41
CA ALA A 21 1.19 -14.69 26.63
C ALA A 21 0.62 -15.23 25.33
N ASN A 22 -0.13 -14.39 24.63
CA ASN A 22 -0.52 -14.68 23.25
C ASN A 22 -0.96 -13.39 22.56
N LYS A 23 -0.77 -13.35 21.23
CA LYS A 23 -0.89 -12.10 20.47
C LYS A 23 -2.27 -11.46 20.53
N PHE A 24 -3.29 -12.22 20.88
CA PHE A 24 -4.66 -11.76 20.76
C PHE A 24 -5.40 -11.76 22.10
N ILE A 25 -5.97 -10.61 22.44
CA ILE A 25 -6.57 -10.42 23.74
C ILE A 25 -7.93 -11.09 23.84
N THR A 26 -8.12 -11.90 24.87
CA THR A 26 -9.41 -12.55 25.13
C THR A 26 -10.32 -11.59 25.89
N LYS A 27 -11.63 -11.79 25.78
CA LYS A 27 -12.60 -10.96 26.49
C LYS A 27 -12.36 -11.02 27.98
N ASP A 28 -12.06 -12.22 28.47
CA ASP A 28 -11.79 -12.43 29.89
C ASP A 28 -10.64 -11.57 30.36
N LYS A 29 -9.50 -11.70 29.69
CA LYS A 29 -8.29 -10.96 30.08
C LYS A 29 -8.50 -9.45 30.02
N ARG A 30 -9.31 -8.99 29.07
CA ARG A 30 -9.49 -7.55 28.87
C ARG A 30 -10.15 -6.91 30.08
N ARG A 31 -11.06 -7.63 30.72
CA ARG A 31 -11.67 -7.15 31.95
C ARG A 31 -10.60 -6.88 33.01
N LYS A 32 -9.80 -7.90 33.30
CA LYS A 32 -8.87 -7.83 34.41
C LYS A 32 -7.67 -6.94 34.11
N ILE A 33 -7.35 -6.80 32.82
CA ILE A 33 -6.37 -5.80 32.42
C ILE A 33 -6.93 -4.44 32.79
N SER A 34 -8.15 -4.19 32.35
CA SER A 34 -8.78 -2.87 32.49
C SER A 34 -8.85 -2.43 33.95
N ALA A 35 -8.98 -3.39 34.86
CA ALA A 35 -9.03 -3.09 36.29
C ALA A 35 -7.62 -2.78 36.79
N ALA A 36 -6.72 -3.73 36.58
CA ALA A 36 -5.34 -3.61 37.03
C ALA A 36 -4.66 -2.35 36.50
N THR A 37 -5.07 -1.91 35.32
CA THR A 37 -4.34 -0.87 34.60
C THR A 37 -5.09 0.47 34.52
N SER A 38 -6.41 0.42 34.70
CA SER A 38 -7.26 1.62 34.69
C SER A 38 -7.43 2.22 33.29
N LEU A 39 -7.15 1.44 32.25
CA LEU A 39 -7.49 1.83 30.88
C LEU A 39 -8.83 1.23 30.47
N SER A 40 -9.46 1.82 29.47
CA SER A 40 -10.75 1.35 29.00
C SER A 40 -10.59 0.13 28.10
N GLU A 41 -11.61 -0.73 28.08
CA GLU A 41 -11.62 -1.93 27.26
C GLU A 41 -11.25 -1.61 25.80
N ARG A 42 -11.69 -0.45 25.32
CA ARG A 42 -11.41 -0.05 23.94
C ARG A 42 -9.93 0.26 23.75
N GLN A 43 -9.33 0.94 24.72
CA GLN A 43 -7.93 1.28 24.65
C GLN A 43 -7.06 0.03 24.52
N ILE A 44 -7.29 -0.93 25.41
CA ILE A 44 -6.56 -2.20 25.39
C ILE A 44 -6.70 -2.89 24.02
N THR A 45 -7.92 -2.90 23.49
CA THR A 45 -8.15 -3.50 22.17
C THR A 45 -7.28 -2.80 21.14
N ILE A 46 -7.28 -1.47 21.17
CA ILE A 46 -6.53 -0.67 20.21
C ILE A 46 -5.03 -0.88 20.40
N TRP A 47 -4.58 -0.91 21.65
CA TRP A 47 -3.16 -1.09 21.93
C TRP A 47 -2.68 -2.44 21.41
N PHE A 48 -3.48 -3.48 21.64
CA PHE A 48 -3.12 -4.82 21.19
C PHE A 48 -3.03 -4.83 19.67
N GLN A 49 -3.92 -4.10 19.01
CA GLN A 49 -3.88 -3.99 17.55
C GLN A 49 -2.58 -3.32 17.14
N ASN A 50 -2.21 -2.26 17.84
CA ASN A 50 -0.99 -1.50 17.57
C ASN A 50 0.24 -2.19 17.94
N ARG A 51 0.13 -3.12 18.83
CA ARG A 51 1.27 -3.95 19.21
C ARG A 51 1.64 -4.91 18.09
N ARG A 52 0.63 -5.49 17.44
CA ARG A 52 0.87 -6.44 16.37
C ARG A 52 1.40 -5.73 15.12
N VAL A 53 1.02 -4.47 14.91
CA VAL A 53 1.58 -3.68 13.81
C VAL A 53 3.09 -3.56 14.00
N LYS A 54 3.48 -3.25 15.23
CA LYS A 54 4.89 -3.09 15.57
C LYS A 54 5.65 -4.38 15.40
N GLU A 55 5.00 -5.51 15.72
CA GLU A 55 5.64 -6.81 15.61
C GLU A 55 5.84 -7.19 14.15
N LYS A 56 4.92 -6.77 13.29
CA LYS A 56 5.04 -7.01 11.86
C LYS A 56 6.25 -6.29 11.29
N LYS A 57 6.47 -5.06 11.76
CA LYS A 57 7.58 -4.23 11.31
C LYS A 57 8.94 -4.87 11.54
N VAL A 58 9.00 -5.80 12.48
CA VAL A 58 10.27 -6.47 12.80
C VAL A 58 10.80 -7.23 11.59
N LEU A 59 9.93 -7.58 10.64
CA LEU A 59 10.37 -8.12 9.37
C LEU A 59 11.17 -7.04 8.61
N ALA A 60 12.48 -7.02 8.80
CA ALA A 60 13.29 -5.93 8.27
C ALA A 60 13.48 -5.98 6.74
N LYS A 61 14.09 -7.00 6.09
CA LYS A 61 14.81 -8.12 6.69
C LYS A 61 15.74 -8.71 5.62
N ARG D 1 -5.81 41.57 -9.45
CA ARG D 1 -5.97 40.24 -10.01
C ARG D 1 -4.98 39.23 -9.40
N LYS D 2 -5.07 38.94 -8.10
CA LYS D 2 -5.98 39.61 -7.16
C LYS D 2 -5.43 39.75 -5.72
N LYS D 3 -4.19 40.22 -5.49
CA LYS D 3 -3.10 40.31 -6.47
C LYS D 3 -1.89 39.70 -5.80
N ARG D 4 -1.23 38.80 -6.53
CA ARG D 4 -0.18 37.88 -6.04
C ARG D 4 0.34 38.08 -4.62
N ILE D 5 0.17 37.03 -3.81
CA ILE D 5 0.68 37.01 -2.43
C ILE D 5 1.48 35.71 -2.21
N PRO D 6 2.83 35.81 -2.23
CA PRO D 6 3.74 34.70 -1.97
C PRO D 6 3.39 33.86 -0.74
N TYR D 7 3.70 32.56 -0.82
CA TYR D 7 3.42 31.62 0.26
C TYR D 7 4.61 31.51 1.22
N SER D 8 4.32 31.25 2.49
CA SER D 8 5.32 31.26 3.54
C SER D 8 6.25 30.05 3.49
N LYS D 9 7.22 30.04 4.40
CA LYS D 9 8.21 28.96 4.48
C LYS D 9 7.55 27.65 4.89
N GLY D 10 6.79 27.69 5.98
CA GLY D 10 6.12 26.50 6.48
C GLY D 10 5.03 26.03 5.54
N GLN D 11 4.42 26.98 4.83
CA GLN D 11 3.40 26.66 3.83
C GLN D 11 3.99 25.84 2.70
N LEU D 12 5.07 26.36 2.12
CA LEU D 12 5.71 25.70 0.99
C LEU D 12 6.32 24.36 1.39
N ARG D 13 6.72 24.25 2.66
CA ARG D 13 7.23 22.98 3.17
C ARG D 13 6.14 21.91 3.14
N GLU D 14 4.95 22.28 3.62
CA GLU D 14 3.81 21.37 3.60
C GLU D 14 3.41 21.03 2.17
N LEU D 15 3.42 22.03 1.31
CA LEU D 15 3.01 21.85 -0.09
C LEU D 15 3.92 20.88 -0.83
N GLU D 16 5.21 21.19 -0.85
CA GLU D 16 6.17 20.36 -1.59
C GLU D 16 6.31 18.97 -0.96
N ARG D 17 6.02 18.87 0.33
CA ARG D 17 6.11 17.59 1.02
C ARG D 17 5.08 16.62 0.48
N GLU D 18 3.81 17.02 0.50
CA GLU D 18 2.73 16.17 0.01
C GLU D 18 2.74 16.05 -1.51
N TYR D 19 3.50 16.91 -2.18
CA TYR D 19 3.68 16.79 -3.62
C TYR D 19 4.70 15.69 -3.91
N ALA D 20 5.78 15.68 -3.13
CA ALA D 20 6.79 14.63 -3.22
C ALA D 20 6.17 13.26 -2.97
N ALA D 21 5.09 13.24 -2.20
CA ALA D 21 4.34 12.01 -1.95
C ALA D 21 3.77 11.48 -3.27
N ASN D 22 2.94 12.29 -3.92
CA ASN D 22 2.52 12.00 -5.29
C ASN D 22 2.04 13.28 -5.99
N LYS D 23 2.24 13.34 -7.30
CA LYS D 23 2.10 14.57 -8.05
C LYS D 23 0.69 15.17 -8.04
N PHE D 24 -0.30 14.38 -7.67
CA PHE D 24 -1.70 14.78 -7.81
C PHE D 24 -2.46 14.79 -6.49
N ILE D 25 -3.03 15.94 -6.15
CA ILE D 25 -3.62 16.15 -4.84
C ILE D 25 -4.98 15.47 -4.73
N THR D 26 -5.15 14.68 -3.67
CA THR D 26 -6.41 14.02 -3.40
C THR D 26 -7.32 14.99 -2.66
N LYS D 27 -8.63 14.76 -2.77
CA LYS D 27 -9.61 15.59 -2.07
C LYS D 27 -9.36 15.58 -0.57
N ASP D 28 -9.07 14.40 -0.04
CA ASP D 28 -8.82 14.23 1.38
C ASP D 28 -7.65 15.11 1.84
N LYS D 29 -6.53 15.01 1.15
CA LYS D 29 -5.33 15.75 1.51
C LYS D 29 -5.54 17.27 1.42
N ARG D 30 -6.36 17.70 0.47
CA ARG D 30 -6.55 19.13 0.25
C ARG D 30 -7.20 19.79 1.46
N ARG D 31 -8.13 19.07 2.09
CA ARG D 31 -8.73 19.53 3.34
C ARG D 31 -7.66 19.82 4.37
N LYS D 32 -6.83 18.81 4.66
CA LYS D 32 -5.90 18.87 5.77
C LYS D 32 -4.71 19.77 5.46
N ILE D 33 -4.37 19.93 4.19
CA ILE D 33 -3.39 20.94 3.78
C ILE D 33 -3.96 22.31 4.14
N SER D 34 -5.20 22.54 3.72
CA SER D 34 -5.85 23.84 3.86
C SER D 34 -5.92 24.28 5.32
N ALA D 35 -6.00 23.31 6.23
CA ALA D 35 -6.03 23.61 7.65
C ALA D 35 -4.64 23.97 8.16
N ALA D 36 -3.69 23.07 7.94
CA ALA D 36 -2.31 23.26 8.38
C ALA D 36 -1.69 24.54 7.83
N THR D 37 -2.10 24.92 6.62
CA THR D 37 -1.41 25.95 5.86
C THR D 37 -2.17 27.28 5.76
N SER D 38 -3.49 27.21 5.96
CA SER D 38 -4.35 28.39 5.93
C SER D 38 -4.55 28.97 4.52
N LEU D 39 -4.28 28.16 3.50
CA LEU D 39 -4.62 28.53 2.12
C LEU D 39 -5.98 27.93 1.76
N SER D 40 -6.63 28.51 0.76
CA SER D 40 -7.93 28.01 0.31
C SER D 40 -7.74 26.78 -0.57
N GLU D 41 -8.75 25.93 -0.60
CA GLU D 41 -8.73 24.72 -1.43
C GLU D 41 -8.35 25.04 -2.87
N ARG D 42 -8.84 26.17 -3.38
CA ARG D 42 -8.58 26.55 -4.76
C ARG D 42 -7.11 26.92 -4.97
N GLN D 43 -6.54 27.62 -4.00
CA GLN D 43 -5.12 27.99 -4.07
C GLN D 43 -4.26 26.74 -4.20
N ILE D 44 -4.48 25.80 -3.29
CA ILE D 44 -3.73 24.54 -3.27
C ILE D 44 -3.85 23.82 -4.60
N THR D 45 -5.06 23.76 -5.15
CA THR D 45 -5.29 23.10 -6.44
C THR D 45 -4.43 23.76 -7.51
N ILE D 46 -4.46 25.09 -7.54
CA ILE D 46 -3.71 25.85 -8.53
C ILE D 46 -2.21 25.67 -8.35
N TRP D 47 -1.75 25.65 -7.11
CA TRP D 47 -0.34 25.47 -6.83
C TRP D 47 0.15 24.13 -7.34
N PHE D 48 -0.63 23.08 -7.11
CA PHE D 48 -0.28 21.75 -7.58
C PHE D 48 -0.21 21.71 -9.10
N GLN D 49 -1.10 22.46 -9.75
CA GLN D 49 -1.07 22.59 -11.20
C GLN D 49 0.21 23.30 -11.62
N ASN D 50 0.53 24.36 -10.92
CA ASN D 50 1.72 25.16 -11.17
C ASN D 50 2.98 24.38 -10.92
N ARG D 51 2.96 23.48 -9.96
CA ARG D 51 4.13 22.69 -9.60
C ARG D 51 4.50 21.72 -10.72
N ARG D 52 3.49 21.12 -11.33
CA ARG D 52 3.70 20.17 -12.41
C ARG D 52 4.17 20.87 -13.69
N VAL D 53 3.82 22.15 -13.83
CA VAL D 53 4.36 22.96 -14.91
C VAL D 53 5.87 23.06 -14.74
N LYS D 54 6.30 23.42 -13.53
CA LYS D 54 7.71 23.64 -13.22
C LYS D 54 8.52 22.36 -13.39
N GLU D 55 7.93 21.23 -13.02
CA GLU D 55 8.61 19.95 -13.09
C GLU D 55 8.76 19.48 -14.53
N LYS D 56 7.77 19.80 -15.36
CA LYS D 56 7.81 19.43 -16.77
C LYS D 56 8.94 20.19 -17.47
N LYS D 57 9.16 21.43 -17.05
CA LYS D 57 10.20 22.27 -17.62
C LYS D 57 11.59 21.66 -17.46
N VAL D 58 11.76 20.87 -16.40
CA VAL D 58 13.05 20.28 -16.08
C VAL D 58 13.52 19.32 -17.18
N LEU D 59 12.56 18.75 -17.93
CA LEU D 59 12.93 17.88 -19.04
C LEU D 59 13.64 18.70 -20.12
N ALA D 60 14.96 18.84 -19.98
CA ALA D 60 15.76 19.59 -20.94
C ALA D 60 16.34 18.81 -22.14
N LYS D 61 16.73 17.51 -22.09
CA LYS D 61 16.62 16.52 -21.01
C LYS D 61 15.17 16.18 -20.67
N ARG G 1 1.48 -15.33 -18.01
CA ARG G 1 1.40 -13.98 -17.46
C ARG G 1 2.04 -12.91 -18.37
N LYS G 2 1.57 -12.73 -19.60
CA LYS G 2 0.63 -13.62 -20.27
C LYS G 2 0.76 -13.60 -21.81
N LYS G 3 1.94 -13.79 -22.41
CA LYS G 3 3.26 -13.64 -21.79
C LYS G 3 4.07 -12.75 -22.73
N ARG G 4 4.71 -11.74 -22.15
CA ARG G 4 5.33 -10.60 -22.84
C ARG G 4 5.55 -10.75 -24.36
N ILE G 5 4.93 -9.84 -25.12
CA ILE G 5 5.11 -9.76 -26.55
C ILE G 5 5.54 -8.33 -26.92
N PRO G 6 6.82 -8.15 -27.32
CA PRO G 6 7.35 -6.82 -27.60
C PRO G 6 6.62 -6.08 -28.72
N TYR G 7 6.55 -4.76 -28.60
CA TYR G 7 5.86 -3.93 -29.59
C TYR G 7 6.80 -3.52 -30.71
N SER G 8 6.27 -3.40 -31.91
CA SER G 8 7.08 -3.17 -33.11
C SER G 8 7.58 -1.73 -33.20
N LYS G 9 8.39 -1.47 -34.23
CA LYS G 9 8.97 -0.16 -34.45
C LYS G 9 7.89 0.88 -34.75
N GLY G 10 7.02 0.56 -35.71
CA GLY G 10 5.95 1.46 -36.11
C GLY G 10 4.97 1.69 -34.98
N GLN G 11 4.74 0.65 -34.19
CA GLN G 11 3.85 0.74 -33.04
C GLN G 11 4.39 1.74 -32.02
N LEU G 12 5.66 1.59 -31.68
CA LEU G 12 6.28 2.42 -30.65
C LEU G 12 6.38 3.88 -31.08
N ARG G 13 6.49 4.12 -32.39
CA ARG G 13 6.51 5.49 -32.87
C ARG G 13 5.19 6.15 -32.54
N GLU G 14 4.09 5.47 -32.86
CA GLU G 14 2.75 5.98 -32.59
C GLU G 14 2.52 6.20 -31.10
N LEU G 15 2.98 5.25 -30.29
CA LEU G 15 2.80 5.34 -28.85
C LEU G 15 3.56 6.52 -28.25
N GLU G 16 4.86 6.59 -28.51
CA GLU G 16 5.71 7.64 -27.93
C GLU G 16 5.41 9.01 -28.54
N ARG G 17 4.99 9.05 -29.80
CA ARG G 17 4.69 10.31 -30.46
C ARG G 17 3.52 10.98 -29.80
N GLU G 18 2.42 10.25 -29.69
CA GLU G 18 1.20 10.76 -29.05
C GLU G 18 1.32 10.81 -27.53
N TYR G 19 2.41 10.25 -27.00
CA TYR G 19 2.75 10.43 -25.59
C TYR G 19 3.41 11.79 -25.39
N ALA G 20 4.32 12.13 -26.29
CA ALA G 20 4.99 13.42 -26.26
C ALA G 20 3.96 14.55 -26.32
N ALA G 21 2.82 14.27 -26.94
CA ALA G 21 1.71 15.22 -27.01
C ALA G 21 1.23 15.57 -25.60
N ASN G 22 0.81 14.56 -24.85
CA ASN G 22 0.55 14.73 -23.42
C ASN G 22 0.59 13.38 -22.71
N LYS G 23 1.01 13.40 -21.45
CA LYS G 23 1.36 12.17 -20.73
C LYS G 23 0.22 11.18 -20.56
N PHE G 24 -1.02 11.64 -20.73
CA PHE G 24 -2.18 10.83 -20.36
C PHE G 24 -3.10 10.60 -21.55
N ILE G 25 -3.33 9.32 -21.85
CA ILE G 25 -4.05 8.94 -23.06
C ILE G 25 -5.55 9.21 -22.89
N THR G 26 -6.12 9.91 -23.87
CA THR G 26 -7.56 10.20 -23.88
C THR G 26 -8.31 9.01 -24.48
N LYS G 27 -9.59 8.89 -24.16
CA LYS G 27 -10.42 7.82 -24.71
C LYS G 27 -10.48 7.89 -26.22
N ASP G 28 -10.55 9.12 -26.72
CA ASP G 28 -10.59 9.37 -28.16
C ASP G 28 -9.34 8.83 -28.86
N LYS G 29 -8.18 9.26 -28.38
CA LYS G 29 -6.90 8.86 -28.98
C LYS G 29 -6.69 7.34 -28.91
N ARG G 30 -7.16 6.73 -27.83
CA ARG G 30 -6.93 5.29 -27.62
C ARG G 30 -7.59 4.46 -28.70
N ARG G 31 -8.77 4.88 -29.15
CA ARG G 31 -9.42 4.25 -30.29
C ARG G 31 -8.51 4.25 -31.50
N LYS G 32 -8.06 5.44 -31.88
CA LYS G 32 -7.33 5.64 -33.11
C LYS G 32 -5.91 5.08 -33.06
N ILE G 33 -5.33 5.03 -31.86
CA ILE G 33 -4.07 4.31 -31.68
C ILE G 33 -4.34 2.84 -31.98
N SER G 34 -5.37 2.30 -31.34
CA SER G 34 -5.67 0.88 -31.41
C SER G 34 -5.93 0.39 -32.83
N ALA G 35 -6.39 1.30 -33.69
CA ALA G 35 -6.59 0.98 -35.10
C ALA G 35 -5.27 1.02 -35.85
N ALA G 36 -4.59 2.16 -35.75
CA ALA G 36 -3.31 2.38 -36.43
C ALA G 36 -2.28 1.33 -36.07
N THR G 37 -2.32 0.87 -34.82
CA THR G 37 -1.21 0.10 -34.25
C THR G 37 -1.52 -1.39 -34.07
N SER G 38 -2.80 -1.73 -34.06
CA SER G 38 -3.25 -3.12 -33.94
C SER G 38 -3.01 -3.71 -32.55
N LEU G 39 -2.82 -2.84 -31.55
CA LEU G 39 -2.81 -3.27 -30.15
C LEU G 39 -4.19 -3.10 -29.56
N SER G 40 -4.47 -3.83 -28.49
CA SER G 40 -5.76 -3.72 -27.82
C SER G 40 -5.79 -2.48 -26.95
N GLU G 41 -6.99 -1.92 -26.75
CA GLU G 41 -7.18 -0.75 -25.90
C GLU G 41 -6.52 -0.93 -24.54
N ARG G 42 -6.58 -2.15 -24.01
CA ARG G 42 -6.01 -2.43 -22.70
C ARG G 42 -4.49 -2.34 -22.72
N GLN G 43 -3.89 -2.80 -23.81
CA GLN G 43 -2.45 -2.71 -23.97
C GLN G 43 -1.97 -1.26 -23.93
N ILE G 44 -2.60 -0.42 -24.74
CA ILE G 44 -2.26 1.00 -24.80
C ILE G 44 -2.32 1.65 -23.42
N THR G 45 -3.39 1.38 -22.68
CA THR G 45 -3.55 1.93 -21.34
C THR G 45 -2.36 1.53 -20.49
N ILE G 46 -2.02 0.23 -20.54
CA ILE G 46 -0.94 -0.31 -19.73
C ILE G 46 0.40 0.30 -20.14
N TRP G 47 0.63 0.38 -21.44
CA TRP G 47 1.89 0.90 -21.95
C TRP G 47 2.10 2.32 -21.45
N PHE G 48 1.02 3.10 -21.48
CA PHE G 48 1.06 4.49 -21.01
C PHE G 48 1.41 4.54 -19.53
N GLN G 49 0.79 3.66 -18.75
CA GLN G 49 1.07 3.59 -17.33
C GLN G 49 2.53 3.24 -17.13
N ASN G 50 3.05 2.30 -17.86
CA ASN G 50 4.44 1.97 -17.73
C ASN G 50 5.35 2.97 -18.35
N ARG G 51 4.87 3.69 -19.31
CA ARG G 51 5.69 4.74 -19.89
C ARG G 51 5.99 5.81 -18.85
N ARG G 52 4.98 6.15 -18.05
CA ARG G 52 5.15 7.16 -17.02
C ARG G 52 6.03 6.66 -15.88
N VAL G 53 6.06 5.35 -15.66
CA VAL G 53 6.96 4.76 -14.67
C VAL G 53 8.40 5.05 -15.07
N LYS G 54 8.70 4.82 -16.35
CA LYS G 54 10.03 5.02 -16.88
C LYS G 54 10.46 6.48 -16.78
N GLU G 55 9.52 7.40 -16.97
CA GLU G 55 9.83 8.82 -16.95
C GLU G 55 10.14 9.31 -15.55
N LYS G 56 9.43 8.78 -14.56
CA LYS G 56 9.63 9.19 -13.18
C LYS G 56 11.05 8.84 -12.73
N LYS G 57 11.57 7.73 -13.25
CA LYS G 57 12.92 7.27 -12.91
C LYS G 57 14.00 8.28 -13.31
N VAL G 58 13.69 9.16 -14.25
CA VAL G 58 14.67 10.10 -14.78
C VAL G 58 15.18 11.08 -13.71
N LEU G 59 14.42 11.25 -12.63
CA LEU G 59 14.93 11.98 -11.45
C LEU G 59 16.21 11.28 -10.99
N ALA G 60 17.38 11.86 -11.29
CA ALA G 60 18.58 11.02 -11.28
C ALA G 60 19.01 10.58 -9.86
N LYS G 61 19.28 11.40 -8.82
CA LYS G 61 19.52 12.86 -8.67
C LYS G 61 19.24 13.91 -9.80
N VAL G 62 20.16 14.67 -10.44
CA VAL G 62 21.61 14.51 -10.55
C VAL G 62 22.38 15.35 -9.52
N ARG J 1 -2.01 -42.27 9.92
CA ARG J 1 -2.31 -40.98 10.54
C ARG J 1 -1.61 -39.81 9.84
N LYS J 2 -1.93 -39.53 8.56
CA LYS J 2 -2.81 -40.36 7.74
C LYS J 2 -2.45 -40.38 6.23
N LYS J 3 -1.19 -40.57 5.82
CA LYS J 3 0.03 -40.43 6.61
C LYS J 3 0.97 -39.55 5.78
N ARG J 4 1.50 -38.52 6.43
CA ARG J 4 2.20 -37.38 5.80
C ARG J 4 2.51 -37.46 4.30
N ILE J 5 1.97 -36.51 3.55
CA ILE J 5 2.20 -36.39 2.11
C ILE J 5 2.63 -34.96 1.79
N PRO J 6 3.95 -34.74 1.59
CA PRO J 6 4.52 -33.45 1.19
C PRO J 6 3.80 -32.75 0.04
N TYR J 7 3.71 -31.43 0.11
CA TYR J 7 3.02 -30.64 -0.90
C TYR J 7 3.95 -30.21 -2.02
N SER J 8 3.40 -30.10 -3.23
CA SER J 8 4.19 -29.86 -4.42
C SER J 8 4.74 -28.43 -4.49
N LYS J 9 5.48 -28.14 -5.57
CA LYS J 9 6.11 -26.85 -5.77
C LYS J 9 5.08 -25.76 -6.04
N GLY J 10 4.19 -26.00 -7.00
CA GLY J 10 3.16 -25.05 -7.36
C GLY J 10 2.15 -24.87 -6.23
N GLN J 11 1.94 -25.94 -5.47
CA GLN J 11 1.03 -25.89 -4.33
C GLN J 11 1.53 -24.93 -3.28
N LEU J 12 2.78 -25.11 -2.85
CA LEU J 12 3.38 -24.27 -1.83
C LEU J 12 3.50 -22.83 -2.31
N ARG J 13 3.71 -22.64 -3.61
CA ARG J 13 3.74 -21.31 -4.19
C ARG J 13 2.42 -20.62 -3.94
N GLU J 14 1.32 -21.30 -4.27
CA GLU J 14 -0.02 -20.77 -4.04
C GLU J 14 -0.24 -20.49 -2.55
N LEU J 15 0.16 -21.45 -1.72
CA LEU J 15 -0.07 -21.36 -0.28
C LEU J 15 0.67 -20.18 0.34
N GLU J 16 1.99 -20.13 0.15
CA GLU J 16 2.80 -19.08 0.75
C GLU J 16 2.55 -17.72 0.10
N ARG J 17 2.02 -17.73 -1.11
CA ARG J 17 1.67 -16.49 -1.80
C ARG J 17 0.50 -15.82 -1.09
N GLU J 18 -0.59 -16.56 -0.94
CA GLU J 18 -1.79 -16.02 -0.29
C GLU J 18 -1.59 -15.90 1.23
N TYR J 19 -0.51 -16.48 1.74
CA TYR J 19 -0.17 -16.32 3.14
C TYR J 19 0.51 -14.97 3.36
N ALA J 20 1.42 -14.64 2.45
CA ALA J 20 2.09 -13.34 2.47
C ALA J 20 1.07 -12.21 2.37
N ALA J 21 -0.07 -12.49 1.74
CA ALA J 21 -1.16 -11.52 1.66
C ALA J 21 -1.66 -11.17 3.06
N ASN J 22 -2.09 -12.18 3.81
CA ASN J 22 -2.36 -12.00 5.22
C ASN J 22 -2.33 -13.35 5.95
N LYS J 23 -1.92 -13.32 7.21
CA LYS J 23 -1.59 -14.54 7.95
C LYS J 23 -2.75 -15.51 8.14
N PHE J 24 -3.97 -15.05 7.93
CA PHE J 24 -5.16 -15.83 8.28
C PHE J 24 -6.10 -16.06 7.10
N ILE J 25 -6.33 -17.33 6.79
CA ILE J 25 -7.08 -17.69 5.60
C ILE J 25 -8.57 -17.40 5.75
N THR J 26 -9.11 -16.68 4.76
CA THR J 26 -10.54 -16.40 4.71
C THR J 26 -11.26 -17.60 4.08
N LYS J 27 -12.53 -17.77 4.43
CA LYS J 27 -13.32 -18.86 3.87
C LYS J 27 -13.31 -18.79 2.34
N ASP J 28 -13.46 -17.58 1.82
CA ASP J 28 -13.50 -17.35 0.39
C ASP J 28 -12.24 -17.88 -0.30
N LYS J 29 -11.07 -17.44 0.19
CA LYS J 29 -9.80 -17.82 -0.40
C LYS J 29 -9.55 -19.33 -0.30
N ARG J 30 -10.07 -19.96 0.75
CA ARG J 30 -9.83 -21.39 0.95
C ARG J 30 -10.51 -22.20 -0.15
N ARG J 31 -11.69 -21.77 -0.58
CA ARG J 31 -12.36 -22.38 -1.73
C ARG J 31 -11.44 -22.42 -2.93
N LYS J 32 -10.95 -21.24 -3.31
CA LYS J 32 -10.25 -21.06 -4.56
C LYS J 32 -8.82 -21.60 -4.51
N ILE J 33 -8.24 -21.65 -3.31
CA ILE J 33 -6.99 -22.38 -3.13
C ILE J 33 -7.24 -23.84 -3.43
N SER J 34 -8.27 -24.40 -2.80
CA SER J 34 -8.57 -25.82 -2.88
C SER J 34 -8.80 -26.27 -4.32
N ALA J 35 -9.29 -25.35 -5.15
CA ALA J 35 -9.48 -25.63 -6.56
C ALA J 35 -8.14 -25.59 -7.30
N ALA J 36 -7.44 -24.47 -7.15
CA ALA J 36 -6.16 -24.26 -7.80
C ALA J 36 -5.14 -25.33 -7.43
N THR J 37 -5.21 -25.81 -6.19
CA THR J 37 -4.14 -26.61 -5.61
C THR J 37 -4.47 -28.09 -5.43
N SER J 38 -5.76 -28.41 -5.40
CA SER J 38 -6.26 -29.78 -5.26
C SER J 38 -6.03 -30.35 -3.86
N LEU J 39 -5.82 -29.49 -2.87
CA LEU J 39 -5.79 -29.91 -1.47
C LEU J 39 -7.17 -29.72 -0.86
N SER J 40 -7.43 -30.41 0.24
CA SER J 40 -8.71 -30.31 0.91
C SER J 40 -8.77 -29.06 1.76
N GLU J 41 -9.98 -28.56 1.97
CA GLU J 41 -10.22 -27.40 2.83
C GLU J 41 -9.50 -27.55 4.16
N ARG J 42 -9.56 -28.75 4.73
CA ARG J 42 -8.97 -29.03 6.03
C ARG J 42 -7.44 -28.94 5.96
N GLN J 43 -6.87 -29.46 4.88
CA GLN J 43 -5.42 -29.41 4.69
C GLN J 43 -4.94 -27.97 4.70
N ILE J 44 -5.57 -27.13 3.88
CA ILE J 44 -5.23 -25.72 3.78
C ILE J 44 -5.31 -25.03 5.15
N THR J 45 -6.39 -25.31 5.88
CA THR J 45 -6.56 -24.74 7.21
C THR J 45 -5.38 -25.14 8.09
N ILE J 46 -5.04 -26.43 8.06
CA ILE J 46 -3.96 -26.97 8.88
C ILE J 46 -2.63 -26.34 8.48
N TRP J 47 -2.40 -26.23 7.17
CA TRP J 47 -1.15 -25.68 6.67
C TRP J 47 -0.96 -24.25 7.14
N PHE J 48 -2.04 -23.47 7.10
CA PHE J 48 -2.01 -22.09 7.55
C PHE J 48 -1.72 -22.01 9.04
N GLN J 49 -2.26 -22.96 9.79
CA GLN J 49 -1.97 -23.05 11.22
C GLN J 49 -0.49 -23.37 11.43
N ASN J 50 0.01 -24.35 10.73
CA ASN J 50 1.39 -24.73 10.85
C ASN J 50 2.33 -23.68 10.36
N ARG J 51 1.93 -22.89 9.39
CA ARG J 51 2.77 -21.82 8.86
C ARG J 51 3.07 -20.79 9.94
N ARG J 52 2.05 -20.42 10.70
CA ARG J 52 2.19 -19.42 11.76
C ARG J 52 3.05 -19.95 12.91
N VAL J 53 3.09 -21.27 13.06
CA VAL J 53 4.00 -21.89 14.02
C VAL J 53 5.44 -21.59 13.60
N LYS J 54 5.74 -21.82 12.32
CA LYS J 54 7.08 -21.61 11.78
C LYS J 54 7.48 -20.15 11.86
N GLU J 55 6.52 -19.25 11.66
CA GLU J 55 6.80 -17.82 11.69
C GLU J 55 7.03 -17.34 13.12
N LYS J 56 6.34 -17.97 14.07
CA LYS J 56 6.52 -17.64 15.47
C LYS J 56 7.94 -18.00 15.90
N LYS J 57 8.45 -19.12 15.38
CA LYS J 57 9.79 -19.60 15.69
C LYS J 57 10.88 -18.61 15.29
N VAL J 58 10.60 -17.79 14.28
CA VAL J 58 11.59 -16.86 13.74
C VAL J 58 12.06 -15.85 14.80
N LEU J 59 11.24 -15.61 15.81
CA LEU J 59 11.66 -14.78 16.93
C LEU J 59 12.85 -15.46 17.63
N ALA J 60 14.04 -15.29 17.06
CA ALA J 60 15.24 -15.96 17.57
C ALA J 60 15.73 -15.51 18.98
N LYS J 61 16.02 -14.26 19.37
CA LYS J 61 15.99 -12.93 18.70
C LYS J 61 15.45 -11.96 19.76
N VAL J 62 16.30 -11.15 20.41
CA VAL J 62 17.72 -11.01 20.12
C VAL J 62 18.49 -12.27 20.55
#